data_7P4T
#
_entry.id   7P4T
#
_cell.length_a   48.489
_cell.length_b   48.489
_cell.length_c   314.359
_cell.angle_alpha   90.000
_cell.angle_beta   90.000
_cell.angle_gamma   120.000
#
_symmetry.space_group_name_H-M   'P 65'
#
_entity_poly.entity_id   1
_entity_poly.type   'polypeptide(L)'
_entity_poly.pdbx_seq_one_letter_code
;SLPCDICKTVVTEAGNLLKDNATQEEILHYLEKTCEWIHDSSLSASCKEVVDSYLPVILDMIKGEMSNPGEVCSALNLCQ
SLQ
;
_entity_poly.pdbx_strand_id   A,B,C,D
#
# COMPACT_ATOMS: atom_id res chain seq x y z
N SER A 1 16.23 11.28 2.05
CA SER A 1 16.38 9.92 1.56
C SER A 1 15.03 9.30 1.25
N LEU A 2 14.98 8.50 0.18
CA LEU A 2 13.69 8.02 -0.31
C LEU A 2 12.91 7.20 0.70
N PRO A 3 13.49 6.25 1.44
CA PRO A 3 12.68 5.51 2.42
C PRO A 3 12.06 6.40 3.48
N CYS A 4 12.70 7.55 3.79
CA CYS A 4 12.06 8.55 4.64
C CYS A 4 11.10 9.45 3.86
N ASP A 5 11.49 9.87 2.66
CA ASP A 5 10.64 10.74 1.85
C ASP A 5 9.34 10.04 1.42
N ILE A 6 9.39 8.73 1.20
CA ILE A 6 8.18 8.00 0.83
C ILE A 6 7.19 8.02 1.99
N CYS A 7 7.64 7.63 3.18
CA CYS A 7 6.76 7.61 4.35
C CYS A 7 6.20 8.99 4.64
N LYS A 8 7.04 10.03 4.60
CA LYS A 8 6.55 11.39 4.79
C LYS A 8 5.49 11.74 3.75
N THR A 9 5.73 11.41 2.49
CA THR A 9 4.77 11.75 1.43
C THR A 9 3.49 10.92 1.57
N VAL A 10 3.63 9.60 1.74
CA VAL A 10 2.46 8.74 1.83
C VAL A 10 1.57 9.12 3.01
N VAL A 11 2.17 9.31 4.18
CA VAL A 11 1.39 9.67 5.37
C VAL A 11 0.71 11.02 5.19
N THR A 12 1.41 11.98 4.56
CA THR A 12 0.83 13.29 4.34
C THR A 12 -0.38 13.21 3.42
N GLU A 13 -0.26 12.48 2.32
CA GLU A 13 -1.37 12.38 1.37
C GLU A 13 -2.48 11.47 1.89
N ALA A 14 -2.12 10.40 2.58
CA ALA A 14 -3.14 9.58 3.22
C ALA A 14 -3.94 10.40 4.22
N GLY A 15 -3.26 11.29 4.96
CA GLY A 15 -3.97 12.25 5.78
C GLY A 15 -4.91 13.12 4.96
N ASN A 16 -4.45 13.59 3.80
CA ASN A 16 -5.26 14.42 2.90
C ASN A 16 -6.44 13.64 2.33
N LEU A 17 -6.35 12.32 2.25
CA LEU A 17 -7.49 11.52 1.78
C LEU A 17 -8.62 11.55 2.80
N LEU A 18 -8.30 11.35 4.08
CA LEU A 18 -9.33 11.38 5.12
C LEU A 18 -9.87 12.78 5.34
N LYS A 19 -9.06 13.80 5.04
CA LYS A 19 -9.46 15.19 5.18
C LYS A 19 -10.45 15.61 4.10
N ASP A 20 -10.50 14.90 2.98
CA ASP A 20 -11.44 15.17 1.91
C ASP A 20 -12.88 14.95 2.36
N ASN A 21 -13.68 16.01 2.32
CA ASN A 21 -15.06 15.91 2.81
C ASN A 21 -15.88 14.93 1.98
N ALA A 22 -15.52 14.73 0.71
CA ALA A 22 -16.18 13.71 -0.08
C ALA A 22 -15.84 12.33 0.42
N THR A 23 -14.58 12.11 0.80
CA THR A 23 -14.19 10.85 1.42
C THR A 23 -14.81 10.73 2.82
N GLN A 24 -14.95 11.85 3.53
CA GLN A 24 -15.58 11.84 4.83
C GLN A 24 -17.01 11.29 4.78
N GLU A 25 -17.77 11.67 3.76
CA GLU A 25 -19.14 11.18 3.61
C GLU A 25 -19.19 9.79 2.97
N GLU A 26 -18.26 9.50 2.04
CA GLU A 26 -18.24 8.20 1.39
C GLU A 26 -18.05 7.08 2.39
N ILE A 27 -17.13 7.25 3.35
CA ILE A 27 -16.92 6.21 4.36
C ILE A 27 -18.18 6.01 5.18
N LEU A 28 -18.89 7.10 5.48
CA LEU A 28 -20.15 6.98 6.21
C LEU A 28 -21.15 6.17 5.41
N HIS A 29 -21.33 6.52 4.13
CA HIS A 29 -22.36 5.88 3.31
C HIS A 29 -22.07 4.41 3.08
N TYR A 30 -20.80 4.02 3.06
CA TYR A 30 -20.46 2.60 3.00
C TYR A 30 -20.81 1.92 4.32
N LEU A 31 -20.42 2.52 5.44
CA LEU A 31 -20.73 1.94 6.75
C LEU A 31 -22.22 2.07 7.08
N GLU A 32 -22.90 3.09 6.54
CA GLU A 32 -24.34 3.14 6.66
C GLU A 32 -24.97 1.94 5.96
N LYS A 33 -24.52 1.64 4.75
CA LYS A 33 -24.99 0.46 4.04
C LYS A 33 -24.55 -0.82 4.73
N THR A 34 -23.36 -0.81 5.36
CA THR A 34 -22.90 -1.95 6.14
C THR A 34 -23.89 -2.31 7.24
N CYS A 35 -24.57 -1.32 7.82
CA CYS A 35 -25.57 -1.61 8.84
C CYS A 35 -26.71 -2.43 8.27
N GLU A 36 -26.98 -2.26 6.98
CA GLU A 36 -28.04 -2.99 6.31
C GLU A 36 -27.66 -4.42 5.97
N TRP A 37 -26.44 -4.85 6.31
CA TRP A 37 -26.08 -6.25 6.08
C TRP A 37 -26.78 -7.18 7.05
N ILE A 38 -27.40 -6.65 8.09
CA ILE A 38 -28.26 -7.41 8.99
C ILE A 38 -29.65 -6.81 8.84
N HIS A 39 -30.59 -7.60 8.32
CA HIS A 39 -31.92 -7.09 8.06
C HIS A 39 -32.65 -6.94 9.40
N ASP A 40 -32.52 -5.77 10.01
CA ASP A 40 -33.14 -5.53 11.32
C ASP A 40 -33.44 -4.04 11.41
N SER A 41 -34.73 -3.68 11.48
CA SER A 41 -35.06 -2.27 11.56
C SER A 41 -34.64 -1.68 12.90
N SER A 42 -34.59 -2.51 13.95
CA SER A 42 -34.16 -2.02 15.26
C SER A 42 -32.64 -1.97 15.40
N LEU A 43 -31.92 -3.01 14.94
CA LEU A 43 -30.47 -3.02 15.13
C LEU A 43 -29.73 -2.22 14.05
N SER A 44 -30.19 -2.28 12.80
CA SER A 44 -29.54 -1.49 11.75
C SER A 44 -29.73 0.01 11.97
N ALA A 45 -30.88 0.41 12.49
CA ALA A 45 -31.08 1.81 12.87
C ALA A 45 -30.11 2.19 13.98
N SER A 46 -30.03 1.37 15.03
CA SER A 46 -29.07 1.62 16.10
C SER A 46 -27.65 1.63 15.57
N CYS A 47 -27.36 0.82 14.56
CA CYS A 47 -26.04 0.84 13.93
C CYS A 47 -25.80 2.16 13.20
N LYS A 48 -26.78 2.61 12.41
CA LYS A 48 -26.63 3.87 11.70
C LYS A 48 -26.46 5.03 12.67
N GLU A 49 -27.18 5.02 13.79
CA GLU A 49 -26.99 6.04 14.81
C GLU A 49 -25.58 6.00 15.38
N VAL A 50 -25.02 4.80 15.56
CA VAL A 50 -23.66 4.65 16.05
C VAL A 50 -22.64 5.07 14.98
N VAL A 51 -22.88 4.69 13.73
CA VAL A 51 -21.91 4.94 12.66
C VAL A 51 -21.75 6.45 12.43
N ASP A 52 -22.87 7.16 12.30
CA ASP A 52 -22.79 8.61 12.08
C ASP A 52 -22.10 9.33 13.23
N SER A 53 -22.19 8.78 14.43
CA SER A 53 -21.63 9.42 15.62
C SER A 53 -20.15 9.11 15.84
N TYR A 54 -19.74 7.86 15.62
CA TYR A 54 -18.38 7.45 15.95
C TYR A 54 -17.36 7.65 14.83
N LEU A 55 -17.78 7.58 13.57
CA LEU A 55 -16.80 7.71 12.48
C LEU A 55 -16.02 9.02 12.56
N PRO A 56 -16.61 10.17 12.84
CA PRO A 56 -15.77 11.37 13.03
C PRO A 56 -14.73 11.19 14.12
N VAL A 57 -15.04 10.43 15.17
CA VAL A 57 -14.07 10.16 16.24
C VAL A 57 -12.90 9.33 15.73
N ILE A 58 -13.18 8.32 14.89
CA ILE A 58 -12.13 7.45 14.37
C ILE A 58 -11.16 8.24 13.50
N LEU A 59 -11.69 9.13 12.67
CA LEU A 59 -10.87 9.97 11.80
C LEU A 59 -9.94 10.87 12.60
N ASP A 60 -10.38 11.37 13.76
CA ASP A 60 -9.59 12.28 14.56
C ASP A 60 -8.29 11.63 15.03
N MET A 61 -8.37 10.38 15.49
CA MET A 61 -7.15 9.68 15.89
C MET A 61 -6.21 9.50 14.71
N ILE A 62 -6.77 9.07 13.58
CA ILE A 62 -5.94 8.78 12.42
C ILE A 62 -5.39 10.08 11.84
N LYS A 63 -6.21 11.12 11.76
CA LYS A 63 -5.67 12.43 11.40
C LYS A 63 -4.62 12.87 12.41
N GLY A 64 -4.88 12.65 13.70
CA GLY A 64 -3.90 12.98 14.72
C GLY A 64 -2.65 12.13 14.65
N GLU A 65 -2.78 10.88 14.22
CA GLU A 65 -1.61 10.05 13.96
C GLU A 65 -1.06 10.25 12.56
N MET A 66 -1.34 11.41 11.96
CA MET A 66 -0.82 11.81 10.66
C MET A 66 -0.55 13.31 10.59
N SER A 67 -0.80 14.06 11.67
CA SER A 67 -0.52 15.49 11.70
C SER A 67 0.96 15.81 11.77
N ASN A 68 1.83 14.81 11.65
CA ASN A 68 3.28 14.97 11.64
C ASN A 68 3.90 13.65 11.25
N PRO A 69 4.10 13.36 9.96
CA PRO A 69 4.69 12.07 9.58
C PRO A 69 6.12 11.89 10.10
N GLY A 70 6.86 12.99 10.29
CA GLY A 70 8.27 12.86 10.64
C GLY A 70 8.51 12.18 11.96
N GLU A 71 7.61 12.38 12.94
CA GLU A 71 7.75 11.75 14.24
C GLU A 71 7.19 10.33 14.27
N VAL A 72 6.42 9.95 13.25
CA VAL A 72 5.92 8.59 13.16
C VAL A 72 6.86 7.75 12.31
N CYS A 73 7.30 8.31 11.18
CA CYS A 73 8.23 7.59 10.31
C CYS A 73 9.58 7.39 10.98
N SER A 74 9.94 8.25 11.93
CA SER A 74 11.16 8.05 12.71
C SER A 74 11.04 6.89 13.68
N ALA A 75 9.93 6.83 14.44
CA ALA A 75 9.68 5.71 15.33
C ALA A 75 9.30 4.43 14.58
N LEU A 76 9.33 4.45 13.25
CA LEU A 76 9.22 3.24 12.44
C LEU A 76 10.53 2.89 11.74
N ASN A 77 11.65 3.42 12.24
CA ASN A 77 12.99 3.25 11.66
C ASN A 77 13.13 3.87 10.27
N LEU A 78 12.09 4.53 9.76
CA LEU A 78 12.10 5.05 8.41
C LEU A 78 12.77 6.43 8.28
N CYS A 79 12.87 7.20 9.37
CA CYS A 79 13.57 8.48 9.30
C CYS A 79 14.46 8.66 10.53
N GLN A 80 15.26 9.72 10.47
CA GLN A 80 16.11 10.23 11.55
C GLN A 80 17.09 11.24 10.97
N SER B 1 2.79 -20.62 -10.79
CA SER B 1 3.69 -19.49 -11.00
C SER B 1 4.02 -18.81 -9.67
N LEU B 2 5.27 -18.38 -9.53
CA LEU B 2 5.76 -17.91 -8.22
C LEU B 2 5.00 -16.71 -7.70
N PRO B 3 4.74 -15.64 -8.45
CA PRO B 3 3.95 -14.53 -7.90
C PRO B 3 2.53 -14.94 -7.54
N CYS B 4 2.00 -15.97 -8.18
CA CYS B 4 0.70 -16.51 -7.80
C CYS B 4 0.80 -17.36 -6.53
N ASP B 5 1.83 -18.20 -6.44
CA ASP B 5 2.00 -19.04 -5.26
C ASP B 5 2.30 -18.24 -4.00
N ILE B 6 3.07 -17.16 -4.14
CA ILE B 6 3.34 -16.29 -3.00
C ILE B 6 2.07 -15.56 -2.58
N CYS B 7 1.39 -14.94 -3.53
CA CYS B 7 0.12 -14.25 -3.24
C CYS B 7 -0.86 -15.19 -2.55
N LYS B 8 -1.02 -16.40 -3.07
CA LYS B 8 -1.87 -17.39 -2.44
C LYS B 8 -1.42 -17.67 -1.00
N THR B 9 -0.11 -17.77 -0.78
CA THR B 9 0.40 -18.05 0.56
C THR B 9 0.10 -16.88 1.50
N VAL B 10 0.35 -15.65 1.04
CA VAL B 10 0.08 -14.47 1.86
C VAL B 10 -1.39 -14.41 2.23
N VAL B 11 -2.27 -14.62 1.25
CA VAL B 11 -3.71 -14.61 1.51
C VAL B 11 -4.08 -15.72 2.50
N THR B 12 -3.42 -16.87 2.39
CA THR B 12 -3.67 -17.97 3.31
C THR B 12 -3.35 -17.57 4.74
N GLU B 13 -2.24 -16.87 4.95
CA GLU B 13 -1.86 -16.46 6.29
C GLU B 13 -2.79 -15.37 6.83
N ALA B 14 -3.27 -14.49 5.95
CA ALA B 14 -4.29 -13.54 6.36
C ALA B 14 -5.54 -14.26 6.84
N GLY B 15 -5.93 -15.32 6.14
CA GLY B 15 -6.99 -16.18 6.66
C GLY B 15 -6.67 -16.77 8.01
N ASN B 16 -5.42 -17.24 8.19
CA ASN B 16 -5.03 -17.87 9.45
C ASN B 16 -5.01 -16.88 10.61
N LEU B 17 -4.70 -15.60 10.36
CA LEU B 17 -4.78 -14.61 11.42
C LEU B 17 -6.23 -14.26 11.77
N LEU B 18 -7.09 -14.11 10.76
CA LEU B 18 -8.48 -13.78 11.02
C LEU B 18 -9.23 -14.94 11.69
N LYS B 19 -8.83 -16.18 11.41
CA LYS B 19 -9.42 -17.31 12.12
C LYS B 19 -8.90 -17.47 13.55
N ASP B 20 -7.74 -16.90 13.85
CA ASP B 20 -7.19 -17.00 15.19
C ASP B 20 -8.13 -16.36 16.20
N ASN B 21 -8.64 -17.18 17.13
CA ASN B 21 -9.67 -16.70 18.06
C ASN B 21 -9.16 -15.60 18.97
N ALA B 22 -7.86 -15.57 19.24
CA ALA B 22 -7.29 -14.47 20.01
C ALA B 22 -7.31 -13.19 19.19
N THR B 23 -6.99 -13.28 17.90
CA THR B 23 -7.08 -12.12 17.03
C THR B 23 -8.54 -11.70 16.80
N GLN B 24 -9.46 -12.66 16.73
CA GLN B 24 -10.86 -12.32 16.59
C GLN B 24 -11.33 -11.47 17.76
N GLU B 25 -10.86 -11.81 18.97
CA GLU B 25 -11.24 -11.10 20.17
C GLU B 25 -10.49 -9.78 20.33
N GLU B 26 -9.23 -9.71 19.86
CA GLU B 26 -8.47 -8.47 19.99
C GLU B 26 -9.18 -7.33 19.26
N ILE B 27 -9.62 -7.57 18.02
CA ILE B 27 -10.36 -6.54 17.29
C ILE B 27 -11.69 -6.25 17.98
N LEU B 28 -12.35 -7.30 18.49
CA LEU B 28 -13.62 -7.11 19.19
C LEU B 28 -13.43 -6.22 20.42
N HIS B 29 -12.46 -6.56 21.27
CA HIS B 29 -12.23 -5.81 22.49
C HIS B 29 -11.68 -4.42 22.21
N TYR B 30 -10.98 -4.26 21.07
CA TYR B 30 -10.50 -2.94 20.66
C TYR B 30 -11.65 -2.02 20.27
N LEU B 31 -12.57 -2.51 19.45
CA LEU B 31 -13.72 -1.69 19.06
C LEU B 31 -14.67 -1.48 20.23
N GLU B 32 -14.69 -2.41 21.19
CA GLU B 32 -15.40 -2.18 22.44
C GLU B 32 -14.81 -0.99 23.18
N LYS B 33 -13.48 -0.93 23.26
CA LYS B 33 -12.83 0.21 23.90
C LYS B 33 -13.02 1.48 23.09
N THR B 34 -13.08 1.36 21.76
CA THR B 34 -13.38 2.51 20.90
C THR B 34 -14.71 3.17 21.28
N CYS B 35 -15.69 2.39 21.71
CA CYS B 35 -16.98 2.94 22.08
C CYS B 35 -16.88 3.90 23.25
N GLU B 36 -15.89 3.70 24.13
CA GLU B 36 -15.73 4.55 25.30
C GLU B 36 -15.11 5.90 24.98
N TRP B 37 -14.81 6.17 23.71
CA TRP B 37 -14.29 7.48 23.32
C TRP B 37 -15.38 8.55 23.37
N ILE B 38 -16.63 8.14 23.54
CA ILE B 38 -17.75 9.03 23.81
C ILE B 38 -18.33 8.65 25.17
N HIS B 39 -18.41 9.65 26.06
CA HIS B 39 -18.84 9.41 27.44
C HIS B 39 -20.27 8.88 27.52
N ASP B 40 -21.11 9.17 26.53
CA ASP B 40 -22.50 8.78 26.53
C ASP B 40 -22.67 7.31 26.92
N SER B 41 -23.32 7.08 28.08
CA SER B 41 -23.50 5.73 28.57
C SER B 41 -24.50 4.95 27.71
N SER B 42 -25.46 5.65 27.12
CA SER B 42 -26.44 4.98 26.25
C SER B 42 -25.86 4.70 24.88
N LEU B 43 -25.06 5.63 24.35
CA LEU B 43 -24.48 5.44 23.02
C LEU B 43 -23.30 4.49 23.06
N SER B 44 -22.50 4.53 24.13
CA SER B 44 -21.40 3.58 24.26
C SER B 44 -21.94 2.16 24.44
N ALA B 45 -23.04 2.01 25.18
CA ALA B 45 -23.69 0.71 25.28
C ALA B 45 -24.23 0.27 23.93
N SER B 46 -24.96 1.15 23.25
CA SER B 46 -25.46 0.82 21.91
C SER B 46 -24.31 0.56 20.93
N CYS B 47 -23.18 1.26 21.11
CA CYS B 47 -22.02 1.00 20.27
C CYS B 47 -21.45 -0.39 20.51
N LYS B 48 -21.32 -0.77 21.78
CA LYS B 48 -20.84 -2.11 22.12
C LYS B 48 -21.77 -3.18 21.59
N GLU B 49 -23.08 -2.93 21.65
CA GLU B 49 -24.04 -3.88 21.06
C GLU B 49 -23.86 -4.00 19.56
N VAL B 50 -23.62 -2.88 18.88
CA VAL B 50 -23.42 -2.92 17.43
C VAL B 50 -22.10 -3.59 17.09
N VAL B 51 -21.04 -3.27 17.83
CA VAL B 51 -19.73 -3.84 17.55
C VAL B 51 -19.73 -5.34 17.79
N ASP B 52 -20.24 -5.76 18.95
CA ASP B 52 -20.28 -7.19 19.26
C ASP B 52 -21.15 -7.97 18.29
N SER B 53 -22.18 -7.32 17.72
CA SER B 53 -23.09 -8.02 16.84
C SER B 53 -22.58 -8.09 15.40
N TYR B 54 -21.99 -7.00 14.90
CA TYR B 54 -21.61 -6.94 13.50
C TYR B 54 -20.22 -7.50 13.21
N LEU B 55 -19.26 -7.31 14.11
CA LEU B 55 -17.89 -7.74 13.83
C LEU B 55 -17.77 -9.23 13.55
N PRO B 56 -18.38 -10.14 14.31
CA PRO B 56 -18.34 -11.56 13.90
C PRO B 56 -18.92 -11.80 12.52
N VAL B 57 -19.94 -11.03 12.13
CA VAL B 57 -20.48 -11.14 10.78
C VAL B 57 -19.47 -10.61 9.76
N ILE B 58 -18.83 -9.48 10.07
CA ILE B 58 -17.88 -8.88 9.15
C ILE B 58 -16.66 -9.77 8.99
N LEU B 59 -16.18 -10.33 10.10
CA LEU B 59 -15.07 -11.27 10.03
C LEU B 59 -15.43 -12.48 9.18
N ASP B 60 -16.67 -12.96 9.30
CA ASP B 60 -17.12 -14.07 8.47
C ASP B 60 -17.13 -13.67 7.00
N MET B 61 -17.51 -12.42 6.72
CA MET B 61 -17.47 -11.92 5.34
C MET B 61 -16.05 -11.89 4.81
N ILE B 62 -15.10 -11.41 5.61
CA ILE B 62 -13.72 -11.31 5.13
C ILE B 62 -13.09 -12.71 5.03
N LYS B 63 -13.34 -13.56 6.03
CA LYS B 63 -12.91 -14.96 5.94
C LYS B 63 -13.49 -15.66 4.73
N GLY B 64 -14.78 -15.45 4.44
CA GLY B 64 -15.37 -16.03 3.25
C GLY B 64 -14.80 -15.47 1.97
N GLU B 65 -14.32 -14.22 2.01
CA GLU B 65 -13.63 -13.62 0.88
C GLU B 65 -12.15 -13.95 0.84
N MET B 66 -11.53 -14.29 1.97
CA MET B 66 -10.15 -14.73 1.96
C MET B 66 -10.00 -16.21 1.69
N SER B 67 -11.10 -16.97 1.65
CA SER B 67 -11.03 -18.37 1.29
C SER B 67 -10.86 -18.48 -0.22
N ASN B 68 -10.38 -19.66 -0.65
CA ASN B 68 -10.10 -19.91 -2.05
C ASN B 68 -9.13 -18.83 -2.52
N PRO B 69 -7.85 -18.91 -2.15
CA PRO B 69 -6.90 -17.87 -2.56
C PRO B 69 -6.76 -17.76 -4.06
N GLY B 70 -7.00 -18.86 -4.78
CA GLY B 70 -6.85 -18.84 -6.22
C GLY B 70 -7.76 -17.84 -6.89
N GLU B 71 -8.95 -17.62 -6.31
CA GLU B 71 -9.93 -16.66 -6.78
C GLU B 71 -9.64 -15.23 -6.33
N VAL B 72 -8.72 -15.05 -5.38
CA VAL B 72 -8.38 -13.71 -4.91
C VAL B 72 -7.21 -13.16 -5.69
N CYS B 73 -6.14 -13.95 -5.81
CA CYS B 73 -4.97 -13.57 -6.59
C CYS B 73 -5.28 -13.54 -8.08
N SER B 74 -6.31 -14.28 -8.51
CA SER B 74 -6.77 -14.17 -9.89
C SER B 74 -7.44 -12.81 -10.14
N ALA B 75 -8.31 -12.38 -9.20
CA ALA B 75 -8.92 -11.06 -9.28
C ALA B 75 -7.91 -9.95 -9.01
N LEU B 76 -6.64 -10.30 -8.82
CA LEU B 76 -5.55 -9.34 -8.81
C LEU B 76 -4.68 -9.48 -10.05
N ASN B 77 -5.08 -10.36 -10.97
CA ASN B 77 -4.32 -10.74 -12.15
C ASN B 77 -2.86 -11.05 -11.85
N LEU B 78 -2.59 -11.53 -10.63
CA LEU B 78 -1.28 -12.09 -10.29
C LEU B 78 -1.20 -13.54 -10.72
N CYS B 79 -2.35 -14.16 -10.95
CA CYS B 79 -2.49 -15.52 -11.47
C CYS B 79 -3.11 -15.43 -12.86
N GLN B 80 -3.19 -16.57 -13.53
CA GLN B 80 -3.81 -16.67 -14.84
C GLN B 80 -5.25 -16.17 -14.82
N SER C 1 4.47 -11.02 19.54
CA SER C 1 3.13 -11.10 18.95
C SER C 1 3.14 -11.83 17.61
N LEU C 2 2.07 -12.58 17.36
CA LEU C 2 2.02 -13.48 16.22
C LEU C 2 2.17 -12.80 14.86
N PRO C 3 1.53 -11.64 14.59
CA PRO C 3 1.68 -11.01 13.26
C PRO C 3 3.13 -10.71 12.87
N CYS C 4 4.07 -10.95 13.79
CA CYS C 4 5.47 -10.80 13.44
C CYS C 4 5.89 -11.91 12.49
N ASP C 5 5.25 -13.09 12.58
CA ASP C 5 5.50 -14.13 11.58
C ASP C 5 5.05 -13.67 10.20
N ILE C 6 4.01 -12.83 10.13
CA ILE C 6 3.58 -12.28 8.86
C ILE C 6 4.65 -11.36 8.29
N CYS C 7 5.14 -10.42 9.11
CA CYS C 7 6.21 -9.53 8.66
C CYS C 7 7.42 -10.32 8.21
N LYS C 8 7.80 -11.34 9.01
CA LYS C 8 8.88 -12.24 8.61
C LYS C 8 8.56 -12.93 7.29
N THR C 9 7.35 -13.48 7.16
CA THR C 9 7.00 -14.27 5.98
C THR C 9 6.92 -13.40 4.73
N VAL C 10 6.24 -12.26 4.82
CA VAL C 10 6.11 -11.38 3.65
C VAL C 10 7.49 -10.95 3.17
N VAL C 11 8.35 -10.54 4.09
CA VAL C 11 9.71 -10.14 3.74
C VAL C 11 10.49 -11.34 3.21
N THR C 12 10.31 -12.51 3.83
CA THR C 12 11.04 -13.71 3.38
C THR C 12 10.61 -14.12 1.97
N GLU C 13 9.30 -14.12 1.70
CA GLU C 13 8.84 -14.54 0.39
C GLU C 13 9.18 -13.51 -0.68
N ALA C 14 9.09 -12.22 -0.32
CA ALA C 14 9.57 -11.17 -1.22
C ALA C 14 11.05 -11.32 -1.47
N GLY C 15 11.82 -11.67 -0.44
CA GLY C 15 13.24 -11.98 -0.64
C GLY C 15 13.45 -13.07 -1.68
N ASN C 16 12.66 -14.14 -1.59
CA ASN C 16 12.74 -15.21 -2.58
C ASN C 16 12.29 -14.74 -3.96
N LEU C 17 11.46 -13.70 -4.03
CA LEU C 17 11.12 -13.13 -5.33
C LEU C 17 12.34 -12.45 -5.95
N LEU C 18 13.05 -11.64 -5.17
CA LEU C 18 14.25 -10.98 -5.69
C LEU C 18 15.41 -11.96 -5.85
N LYS C 19 15.49 -12.97 -4.99
CA LYS C 19 16.54 -13.97 -5.10
C LYS C 19 16.27 -14.98 -6.20
N ASP C 20 15.02 -15.11 -6.66
CA ASP C 20 14.71 -16.01 -7.76
C ASP C 20 15.45 -15.57 -9.01
N ASN C 21 16.35 -16.41 -9.50
CA ASN C 21 17.18 -16.04 -10.64
C ASN C 21 16.34 -15.85 -11.90
N ALA C 22 15.18 -16.52 -11.98
CA ALA C 22 14.26 -16.30 -13.08
C ALA C 22 13.55 -14.96 -12.97
N THR C 23 13.16 -14.56 -11.75
CA THR C 23 12.53 -13.26 -11.56
C THR C 23 13.50 -12.13 -11.84
N GLN C 24 14.77 -12.33 -11.53
CA GLN C 24 15.80 -11.36 -11.90
C GLN C 24 15.80 -11.13 -13.41
N GLU C 25 15.51 -12.17 -14.18
CA GLU C 25 15.44 -12.01 -15.64
C GLU C 25 14.15 -11.32 -16.06
N GLU C 26 13.04 -11.59 -15.37
CA GLU C 26 11.76 -10.97 -15.71
C GLU C 26 11.80 -9.45 -15.55
N ILE C 27 12.32 -8.97 -14.42
CA ILE C 27 12.40 -7.53 -14.18
C ILE C 27 13.35 -6.87 -15.18
N LEU C 28 14.45 -7.54 -15.51
CA LEU C 28 15.43 -6.99 -16.44
C LEU C 28 14.79 -6.73 -17.80
N HIS C 29 14.03 -7.70 -18.32
CA HIS C 29 13.47 -7.58 -19.66
C HIS C 29 12.44 -6.47 -19.78
N TYR C 30 11.72 -6.17 -18.70
CA TYR C 30 10.79 -5.04 -18.74
C TYR C 30 11.52 -3.72 -18.82
N LEU C 31 12.56 -3.55 -17.97
CA LEU C 31 13.33 -2.31 -18.02
C LEU C 31 14.16 -2.22 -19.29
N GLU C 32 14.56 -3.37 -19.86
CA GLU C 32 15.14 -3.36 -21.20
C GLU C 32 14.15 -2.86 -22.23
N LYS C 33 12.90 -3.34 -22.16
CA LYS C 33 11.87 -2.86 -23.09
C LYS C 33 11.59 -1.38 -22.89
N THR C 34 11.69 -0.90 -21.65
CA THR C 34 11.54 0.53 -21.39
C THR C 34 12.55 1.34 -22.20
N CYS C 35 13.74 0.80 -22.43
CA CYS C 35 14.77 1.51 -23.19
C CYS C 35 14.37 1.73 -24.64
N GLU C 36 13.64 0.80 -25.24
CA GLU C 36 13.26 0.88 -26.65
C GLU C 36 12.10 1.83 -26.92
N TRP C 37 11.56 2.48 -25.89
CA TRP C 37 10.50 3.47 -26.09
C TRP C 37 11.03 4.77 -26.68
N ILE C 38 12.34 4.93 -26.77
CA ILE C 38 12.96 6.06 -27.45
C ILE C 38 13.74 5.54 -28.65
N HIS C 39 13.42 6.06 -29.84
CA HIS C 39 13.94 5.58 -31.11
C HIS C 39 15.45 5.82 -31.28
N ASP C 40 16.07 6.64 -30.44
CA ASP C 40 17.49 6.92 -30.56
C ASP C 40 18.30 5.63 -30.43
N SER C 41 19.00 5.26 -31.52
CA SER C 41 19.75 4.02 -31.55
C SER C 41 20.96 4.05 -30.61
N SER C 42 21.52 5.23 -30.34
CA SER C 42 22.64 5.34 -29.41
C SER C 42 22.15 5.30 -27.96
N LEU C 43 21.00 5.91 -27.70
CA LEU C 43 20.47 5.95 -26.33
C LEU C 43 19.82 4.64 -25.94
N SER C 44 19.18 3.94 -26.89
CA SER C 44 18.59 2.64 -26.59
C SER C 44 19.66 1.63 -26.21
N ALA C 45 20.81 1.67 -26.89
CA ALA C 45 21.94 0.84 -26.50
C ALA C 45 22.49 1.23 -25.14
N SER C 46 22.73 2.53 -24.93
CA SER C 46 23.26 3.01 -23.66
C SER C 46 22.33 2.69 -22.49
N CYS C 47 21.02 2.71 -22.73
CA CYS C 47 20.08 2.36 -21.67
C CYS C 47 20.20 0.87 -21.33
N LYS C 48 20.27 0.01 -22.35
CA LYS C 48 20.48 -1.42 -22.11
C LYS C 48 21.80 -1.67 -21.39
N GLU C 49 22.85 -0.93 -21.76
CA GLU C 49 24.12 -1.06 -21.06
C GLU C 49 23.99 -0.68 -19.59
N VAL C 50 23.25 0.38 -19.29
CA VAL C 50 23.04 0.77 -17.89
C VAL C 50 22.16 -0.25 -17.18
N VAL C 51 21.08 -0.70 -17.84
CA VAL C 51 20.13 -1.60 -17.20
C VAL C 51 20.80 -2.94 -16.88
N ASP C 52 21.48 -3.53 -17.88
CA ASP C 52 22.14 -4.81 -17.65
C ASP C 52 23.22 -4.71 -16.58
N SER C 53 23.84 -3.54 -16.44
CA SER C 53 24.93 -3.36 -15.48
C SER C 53 24.43 -2.99 -14.09
N TYR C 54 23.43 -2.10 -13.99
CA TYR C 54 23.01 -1.58 -12.70
C TYR C 54 21.92 -2.40 -12.02
N LEU C 55 20.99 -2.97 -12.78
CA LEU C 55 19.87 -3.68 -12.13
C LEU C 55 20.34 -4.83 -11.24
N PRO C 56 21.26 -5.71 -11.66
CA PRO C 56 21.77 -6.70 -10.70
C PRO C 56 22.40 -6.06 -9.48
N VAL C 57 23.03 -4.90 -9.63
CA VAL C 57 23.56 -4.19 -8.48
C VAL C 57 22.41 -3.70 -7.60
N ILE C 58 21.34 -3.19 -8.21
CA ILE C 58 20.20 -2.70 -7.45
C ILE C 58 19.50 -3.85 -6.73
N LEU C 59 19.32 -4.99 -7.43
CA LEU C 59 18.70 -6.13 -6.78
C LEU C 59 19.51 -6.63 -5.60
N ASP C 60 20.85 -6.71 -5.76
CA ASP C 60 21.70 -7.16 -4.67
C ASP C 60 21.68 -6.20 -3.50
N MET C 61 21.66 -4.89 -3.77
CA MET C 61 21.54 -3.92 -2.69
C MET C 61 20.21 -4.10 -1.96
N ILE C 62 19.14 -4.29 -2.71
CA ILE C 62 17.83 -4.50 -2.10
C ILE C 62 17.79 -5.88 -1.46
N LYS C 63 18.44 -6.87 -2.08
CA LYS C 63 18.66 -8.15 -1.40
C LYS C 63 19.35 -7.96 -0.07
N GLY C 64 20.27 -6.99 0.03
CA GLY C 64 20.89 -6.69 1.32
C GLY C 64 19.86 -6.20 2.32
N GLU C 65 18.81 -5.56 1.85
CA GLU C 65 17.63 -5.30 2.66
C GLU C 65 16.77 -6.56 2.64
N MET C 66 15.79 -6.62 3.53
CA MET C 66 14.88 -7.76 3.61
C MET C 66 15.59 -9.03 4.03
N SER C 67 16.91 -8.99 4.23
CA SER C 67 17.65 -10.17 4.64
C SER C 67 17.39 -10.52 6.11
N ASN C 68 17.61 -9.56 7.00
CA ASN C 68 17.43 -9.78 8.43
C ASN C 68 16.22 -9.01 8.95
N PRO C 69 15.17 -9.71 9.39
CA PRO C 69 13.98 -9.00 9.92
C PRO C 69 14.27 -8.11 11.10
N GLY C 70 15.34 -8.36 11.85
CA GLY C 70 15.59 -7.62 13.08
C GLY C 70 15.71 -6.11 12.91
N GLU C 71 16.25 -5.64 11.78
CA GLU C 71 16.33 -4.21 11.54
C GLU C 71 15.13 -3.64 10.76
N VAL C 72 14.20 -4.47 10.29
CA VAL C 72 13.04 -3.94 9.57
C VAL C 72 11.73 -4.16 10.32
N CYS C 73 11.45 -5.41 10.70
CA CYS C 73 10.21 -5.71 11.44
C CYS C 73 10.24 -5.20 12.88
N SER C 74 11.41 -4.90 13.43
CA SER C 74 11.49 -4.38 14.79
C SER C 74 10.90 -2.99 14.94
N ALA C 75 10.26 -2.78 16.11
CA ALA C 75 9.74 -1.48 16.53
C ALA C 75 8.64 -0.95 15.61
N LEU C 76 7.83 -1.86 15.06
CA LEU C 76 6.60 -1.46 14.40
C LEU C 76 5.43 -2.26 14.99
N ASN C 77 4.24 -2.04 14.42
CA ASN C 77 3.01 -2.59 14.99
C ASN C 77 2.91 -4.12 14.88
N LEU C 78 3.64 -4.74 13.95
CA LEU C 78 3.53 -6.19 13.79
C LEU C 78 4.42 -7.01 14.70
N CYS C 79 5.50 -6.44 15.24
CA CYS C 79 6.33 -7.13 16.22
C CYS C 79 6.41 -6.42 17.57
N GLN C 80 6.07 -5.14 17.64
CA GLN C 80 6.02 -4.42 18.90
C GLN C 80 4.66 -3.75 19.12
N SER D 1 -19.44 4.23 -6.11
CA SER D 1 -19.17 3.24 -5.09
C SER D 1 -17.79 3.44 -4.45
N LEU D 2 -17.72 3.22 -3.14
CA LEU D 2 -16.54 3.62 -2.37
C LEU D 2 -15.24 2.99 -2.81
N PRO D 3 -15.13 1.68 -3.06
CA PRO D 3 -13.83 1.14 -3.49
C PRO D 3 -13.35 1.72 -4.80
N CYS D 4 -14.27 2.17 -5.66
CA CYS D 4 -13.89 2.92 -6.85
C CYS D 4 -13.55 4.36 -6.53
N ASP D 5 -14.34 4.99 -5.66
CA ASP D 5 -14.15 6.40 -5.34
C ASP D 5 -12.84 6.64 -4.61
N ILE D 6 -12.43 5.71 -3.74
CA ILE D 6 -11.14 5.83 -3.08
C ILE D 6 -10.00 5.64 -4.09
N CYS D 7 -10.09 4.58 -4.88
CA CYS D 7 -9.05 4.33 -5.89
C CYS D 7 -8.87 5.52 -6.83
N LYS D 8 -9.97 6.04 -7.38
CA LYS D 8 -9.88 7.21 -8.26
C LYS D 8 -9.21 8.37 -7.54
N THR D 9 -9.62 8.63 -6.30
CA THR D 9 -9.09 9.78 -5.56
C THR D 9 -7.60 9.59 -5.27
N VAL D 10 -7.21 8.40 -4.79
CA VAL D 10 -5.81 8.14 -4.48
C VAL D 10 -4.94 8.30 -5.72
N VAL D 11 -5.35 7.69 -6.83
CA VAL D 11 -4.57 7.78 -8.07
C VAL D 11 -4.52 9.22 -8.57
N THR D 12 -5.64 9.94 -8.50
CA THR D 12 -5.66 11.32 -8.97
C THR D 12 -4.76 12.21 -8.12
N GLU D 13 -4.83 12.07 -6.79
CA GLU D 13 -4.04 12.93 -5.93
C GLU D 13 -2.56 12.57 -5.98
N ALA D 14 -2.24 11.28 -6.04
CA ALA D 14 -0.86 10.86 -6.23
C ALA D 14 -0.30 11.37 -7.57
N GLY D 15 -1.12 11.30 -8.62
CA GLY D 15 -0.72 11.88 -9.90
C GLY D 15 -0.38 13.36 -9.81
N ASN D 16 -1.22 14.13 -9.10
CA ASN D 16 -0.94 15.55 -8.93
C ASN D 16 0.30 15.79 -8.09
N LEU D 17 0.64 14.85 -7.21
CA LEU D 17 1.91 14.93 -6.51
C LEU D 17 3.06 14.69 -7.48
N LEU D 18 2.91 13.71 -8.38
CA LEU D 18 3.94 13.48 -9.38
C LEU D 18 4.01 14.64 -10.37
N LYS D 19 2.89 15.32 -10.60
CA LYS D 19 2.92 16.49 -11.46
C LYS D 19 3.54 17.69 -10.77
N ASP D 20 3.52 17.71 -9.44
CA ASP D 20 4.21 18.75 -8.70
C ASP D 20 5.71 18.54 -8.91
N ASN D 21 6.37 19.52 -9.52
CA ASN D 21 7.74 19.35 -9.98
C ASN D 21 8.75 19.08 -8.86
N ALA D 22 8.41 19.41 -7.62
CA ALA D 22 9.29 19.08 -6.51
C ALA D 22 9.47 17.58 -6.35
N THR D 23 8.43 16.79 -6.62
CA THR D 23 8.54 15.35 -6.53
C THR D 23 9.49 14.77 -7.57
N GLN D 24 9.53 15.35 -8.77
CA GLN D 24 10.42 14.83 -9.81
C GLN D 24 11.89 14.85 -9.41
N GLU D 25 12.34 15.92 -8.75
CA GLU D 25 13.75 15.99 -8.37
C GLU D 25 14.05 15.07 -7.20
N GLU D 26 13.06 14.88 -6.32
CA GLU D 26 13.23 13.99 -5.19
C GLU D 26 13.60 12.58 -5.67
N ILE D 27 12.87 12.07 -6.67
CA ILE D 27 13.23 10.78 -7.27
C ILE D 27 14.51 10.90 -8.09
N LEU D 28 14.69 12.01 -8.81
CA LEU D 28 15.82 12.16 -9.72
C LEU D 28 17.16 12.03 -9.00
N HIS D 29 17.34 12.75 -7.88
CA HIS D 29 18.63 12.70 -7.19
C HIS D 29 18.96 11.32 -6.67
N TYR D 30 17.96 10.50 -6.38
CA TYR D 30 18.25 9.14 -5.93
C TYR D 30 18.87 8.34 -7.08
N LEU D 31 18.27 8.42 -8.27
CA LEU D 31 18.83 7.70 -9.42
C LEU D 31 20.13 8.33 -9.92
N GLU D 32 20.28 9.65 -9.78
CA GLU D 32 21.57 10.27 -10.09
C GLU D 32 22.66 9.79 -9.15
N LYS D 33 22.37 9.76 -7.84
CA LYS D 33 23.34 9.24 -6.89
C LYS D 33 23.55 7.74 -7.08
N THR D 34 22.50 7.03 -7.52
CA THR D 34 22.63 5.62 -7.86
C THR D 34 23.71 5.39 -8.91
N CYS D 35 23.90 6.35 -9.82
CA CYS D 35 24.90 6.17 -10.88
C CYS D 35 26.30 6.05 -10.32
N GLU D 36 26.56 6.64 -9.15
CA GLU D 36 27.90 6.60 -8.57
C GLU D 36 28.24 5.26 -7.92
N TRP D 37 27.32 4.31 -7.90
CA TRP D 37 27.56 2.99 -7.29
C TRP D 37 28.41 2.06 -8.16
N ILE D 38 28.65 2.36 -9.42
CA ILE D 38 29.61 1.61 -10.23
C ILE D 38 30.69 2.58 -10.68
N HIS D 39 31.92 2.34 -10.23
CA HIS D 39 33.02 3.26 -10.53
C HIS D 39 33.38 3.07 -12.00
N ASP D 40 32.56 3.65 -12.86
CA ASP D 40 32.74 3.61 -14.31
C ASP D 40 32.54 5.02 -14.82
N SER D 41 33.62 5.64 -15.29
CA SER D 41 33.49 7.03 -15.72
C SER D 41 32.65 7.14 -16.99
N SER D 42 32.66 6.12 -17.84
CA SER D 42 31.82 6.16 -19.03
C SER D 42 30.38 5.79 -18.71
N LEU D 43 30.17 4.79 -17.85
CA LEU D 43 28.81 4.35 -17.53
C LEU D 43 28.15 5.27 -16.51
N SER D 44 28.90 5.79 -15.54
CA SER D 44 28.30 6.72 -14.58
C SER D 44 27.91 8.02 -15.26
N ALA D 45 28.72 8.48 -16.22
CA ALA D 45 28.29 9.60 -17.05
C ALA D 45 27.08 9.21 -17.89
N SER D 46 27.18 8.07 -18.59
CA SER D 46 26.06 7.56 -19.38
C SER D 46 24.83 7.27 -18.51
N CYS D 47 25.05 6.87 -17.25
CA CYS D 47 23.91 6.61 -16.37
C CYS D 47 23.09 7.87 -16.12
N LYS D 48 23.76 9.00 -15.84
CA LYS D 48 23.02 10.25 -15.72
C LYS D 48 22.32 10.60 -17.03
N GLU D 49 22.99 10.33 -18.16
CA GLU D 49 22.35 10.57 -19.46
C GLU D 49 21.11 9.70 -19.61
N VAL D 50 21.18 8.45 -19.17
CA VAL D 50 20.00 7.59 -19.23
C VAL D 50 18.95 8.05 -18.21
N VAL D 51 19.39 8.35 -16.99
CA VAL D 51 18.45 8.75 -15.94
C VAL D 51 17.81 10.08 -16.26
N ASP D 52 18.63 11.10 -16.58
CA ASP D 52 18.10 12.42 -16.89
C ASP D 52 17.19 12.40 -18.12
N SER D 53 17.45 11.49 -19.05
CA SER D 53 16.64 11.45 -20.27
C SER D 53 15.37 10.62 -20.10
N TYR D 54 15.45 9.48 -19.42
CA TYR D 54 14.31 8.57 -19.36
C TYR D 54 13.36 8.86 -18.20
N LEU D 55 13.88 9.28 -17.04
CA LEU D 55 12.99 9.53 -15.91
C LEU D 55 11.94 10.60 -16.21
N PRO D 56 12.29 11.75 -16.80
CA PRO D 56 11.22 12.68 -17.20
C PRO D 56 10.24 12.07 -18.17
N VAL D 57 10.69 11.19 -19.06
CA VAL D 57 9.75 10.52 -19.96
C VAL D 57 8.86 9.58 -19.17
N ILE D 58 9.45 8.74 -18.31
CA ILE D 58 8.67 7.75 -17.58
C ILE D 58 7.70 8.42 -16.60
N LEU D 59 8.15 9.48 -15.92
CA LEU D 59 7.24 10.19 -15.03
C LEU D 59 6.09 10.80 -15.83
N ASP D 60 6.36 11.38 -17.00
CA ASP D 60 5.29 11.93 -17.82
C ASP D 60 4.34 10.84 -18.31
N MET D 61 4.87 9.65 -18.64
CA MET D 61 3.99 8.55 -19.02
C MET D 61 3.07 8.16 -17.88
N ILE D 62 3.63 8.03 -16.68
CA ILE D 62 2.83 7.65 -15.51
C ILE D 62 1.92 8.81 -15.09
N LYS D 63 2.45 10.03 -15.14
CA LYS D 63 1.62 11.22 -14.95
C LYS D 63 0.48 11.25 -15.98
N GLY D 64 0.79 10.91 -17.22
CA GLY D 64 -0.23 10.86 -18.26
C GLY D 64 -1.27 9.79 -18.04
N GLU D 65 -0.90 8.69 -17.37
CA GLU D 65 -1.90 7.68 -17.07
C GLU D 65 -2.70 8.01 -15.82
N MET D 66 -2.06 8.59 -14.81
CA MET D 66 -2.81 9.01 -13.62
C MET D 66 -3.68 10.24 -13.86
N SER D 67 -3.62 10.85 -15.06
CA SER D 67 -4.49 11.96 -15.36
C SER D 67 -5.93 11.51 -15.59
N ASN D 68 -6.13 10.23 -15.90
CA ASN D 68 -7.45 9.66 -16.14
C ASN D 68 -7.62 8.53 -15.13
N PRO D 69 -8.19 8.81 -13.95
CA PRO D 69 -8.35 7.74 -12.96
C PRO D 69 -9.23 6.62 -13.45
N GLY D 70 -10.16 6.91 -14.37
CA GLY D 70 -11.08 5.88 -14.81
C GLY D 70 -10.39 4.71 -15.49
N GLU D 71 -9.30 4.98 -16.21
CA GLU D 71 -8.53 3.91 -16.86
C GLU D 71 -7.52 3.25 -15.91
N VAL D 72 -7.24 3.86 -14.75
CA VAL D 72 -6.30 3.23 -13.84
C VAL D 72 -7.03 2.28 -12.89
N CYS D 73 -8.10 2.77 -12.26
CA CYS D 73 -8.87 1.89 -11.40
C CYS D 73 -9.60 0.82 -12.20
N SER D 74 -9.80 1.04 -13.49
CA SER D 74 -10.26 -0.04 -14.36
C SER D 74 -9.15 -1.07 -14.54
N ALA D 75 -7.88 -0.64 -14.47
CA ALA D 75 -6.76 -1.58 -14.47
C ALA D 75 -6.56 -2.20 -13.09
N LEU D 76 -7.42 -1.82 -12.14
CA LEU D 76 -7.61 -2.56 -10.89
C LEU D 76 -8.96 -3.25 -10.88
N ASN D 77 -9.80 -2.99 -11.89
CA ASN D 77 -11.15 -3.55 -12.02
C ASN D 77 -12.02 -3.32 -10.79
N LEU D 78 -11.67 -2.34 -9.96
CA LEU D 78 -12.47 -2.05 -8.76
C LEU D 78 -13.71 -1.21 -9.07
N CYS D 79 -13.75 -0.56 -10.23
CA CYS D 79 -14.92 0.21 -10.64
C CYS D 79 -15.89 -0.59 -11.50
N GLN D 80 -15.71 -1.91 -11.59
CA GLN D 80 -16.64 -2.78 -12.29
C GLN D 80 -17.14 -3.86 -11.33
#